data_7LC7
#
_entry.id   7LC7
#
_cell.length_a   53.335
_cell.length_b   104.783
_cell.length_c   73.741
_cell.angle_alpha   90.000
_cell.angle_beta   90.000
_cell.angle_gamma   90.000
#
_symmetry.space_group_name_H-M   'C 2 2 21'
#
loop_
_entity.id
_entity.type
_entity.pdbx_description
1 polymer 'Epoxyqueuosine reductase QueH'
2 non-polymer 'IRON/SULFUR CLUSTER'
3 non-polymer "GUANOSINE-5'-MONOPHOSPHATE"
4 non-polymer 'FE (III) ION'
5 non-polymer 'CHLORIDE ION'
6 water water
#
_entity_poly.entity_id   1
_entity_poly.type   'polypeptide(L)'
_entity_poly.pdbx_seq_one_letter_code
;MGTVLIHVCCAPDLLTTIFHVRDAEFFFYNPNIQPLSEYEKRREAVDKVANHFSLNVRYGEYSTEEIRKWYTAVKDYKDL
GEGSKRCERCISFLLERTAQEARKRGHESFSTTLLASPRKNLPMIENIGKTIEEKYGVKFFFKNFRKGGAYQEGVRLSKE
LGIYRQNYCGCVFSLLERREKHAEISRKRGHM
;
_entity_poly.pdbx_strand_id   A
#
# COMPACT_ATOMS: atom_id res chain seq x y z
N GLY A 2 18.88 -10.02 1.75
CA GLY A 2 18.45 -9.11 2.78
C GLY A 2 17.75 -7.87 2.26
N THR A 3 17.11 -8.02 1.10
CA THR A 3 16.38 -6.95 0.45
C THR A 3 14.88 -7.14 0.69
N VAL A 4 14.15 -6.03 0.73
CA VAL A 4 12.73 -6.08 1.04
C VAL A 4 11.97 -5.42 -0.11
N LEU A 5 10.86 -6.03 -0.50
CA LEU A 5 9.95 -5.43 -1.47
C LEU A 5 8.74 -4.89 -0.71
N ILE A 6 8.49 -3.59 -0.84
CA ILE A 6 7.51 -2.92 0.01
C ILE A 6 6.40 -2.44 -0.90
N HIS A 7 5.21 -3.01 -0.73
CA HIS A 7 4.02 -2.49 -1.39
C HIS A 7 3.79 -1.04 -1.01
N VAL A 8 3.43 -0.21 -1.99
CA VAL A 8 3.15 1.21 -1.74
C VAL A 8 1.69 1.47 -2.05
N CYS A 9 0.96 1.95 -1.03
CA CYS A 9 -0.44 2.38 -1.21
C CYS A 9 -0.53 3.81 -1.75
N CYS A 10 0.26 4.74 -1.22
CA CYS A 10 0.15 6.13 -1.61
C CYS A 10 1.44 6.84 -1.22
N ALA A 11 1.63 8.00 -1.81
CA ALA A 11 2.85 8.76 -1.58
C ALA A 11 2.98 9.26 -0.15
N PRO A 12 1.92 9.78 0.48
CA PRO A 12 2.06 10.20 1.88
C PRO A 12 2.55 9.07 2.78
N ASP A 13 2.03 7.86 2.61
CA ASP A 13 2.48 6.76 3.46
C ASP A 13 3.86 6.28 3.06
N LEU A 14 4.21 6.44 1.78
CA LEU A 14 5.59 6.17 1.38
C LEU A 14 6.54 7.11 2.07
N LEU A 15 6.20 8.41 2.12
CA LEU A 15 7.08 9.38 2.77
C LEU A 15 7.32 9.00 4.23
N THR A 16 6.27 8.61 4.94
CA THR A 16 6.43 8.17 6.33
C THR A 16 7.36 6.98 6.42
N THR A 17 7.18 6.02 5.50
CA THR A 17 7.93 4.78 5.54
C THR A 17 9.42 5.00 5.31
N ILE A 18 9.80 5.89 4.38
CA ILE A 18 11.22 5.95 3.99
C ILE A 18 12.08 6.64 5.04
N PHE A 19 11.48 7.20 6.08
CA PHE A 19 12.30 7.61 7.23
C PHE A 19 12.93 6.41 7.90
N HIS A 20 12.31 5.23 7.78
CA HIS A 20 12.72 4.06 8.54
C HIS A 20 13.37 2.95 7.74
N VAL A 21 13.17 2.90 6.44
CA VAL A 21 13.70 1.80 5.63
C VAL A 21 14.84 2.33 4.76
N ARG A 22 15.79 1.46 4.44
CA ARG A 22 16.95 1.90 3.68
C ARG A 22 17.05 1.24 2.31
N ASP A 23 17.24 -0.07 2.24
CA ASP A 23 17.54 -0.74 0.97
C ASP A 23 16.32 -1.55 0.53
N ALA A 24 15.37 -0.84 -0.06
CA ALA A 24 14.09 -1.43 -0.44
C ALA A 24 13.80 -1.22 -1.91
N GLU A 25 13.08 -2.17 -2.49
CA GLU A 25 12.40 -1.98 -3.76
C GLU A 25 10.94 -1.75 -3.42
N PHE A 26 10.35 -0.73 -4.03
CA PHE A 26 8.94 -0.42 -3.77
C PHE A 26 8.08 -0.92 -4.92
N PHE A 27 6.85 -1.31 -4.60
CA PHE A 27 5.94 -1.94 -5.56
C PHE A 27 4.59 -1.24 -5.48
N PHE A 28 4.31 -0.36 -6.43
CA PHE A 28 3.03 0.36 -6.46
C PHE A 28 2.01 -0.51 -7.21
N TYR A 29 1.15 -1.17 -6.45
CA TYR A 29 0.14 -2.07 -6.99
C TYR A 29 -1.14 -1.81 -6.22
N ASN A 30 -2.18 -1.26 -6.86
CA ASN A 30 -3.42 -0.89 -6.15
C ASN A 30 -4.59 -0.88 -7.12
N PRO A 31 -4.99 -2.05 -7.62
CA PRO A 31 -6.22 -2.12 -8.44
C PRO A 31 -7.47 -1.77 -7.66
N ASN A 32 -7.38 -1.66 -6.34
CA ASN A 32 -8.50 -1.22 -5.51
C ASN A 32 -8.81 0.26 -5.69
N ILE A 33 -7.90 1.04 -6.29
CA ILE A 33 -8.13 2.46 -6.46
C ILE A 33 -8.93 2.68 -7.73
N GLN A 34 -10.12 3.25 -7.58
CA GLN A 34 -11.00 3.61 -8.68
C GLN A 34 -11.45 5.06 -8.49
N PRO A 35 -11.66 5.79 -9.59
CA PRO A 35 -11.47 5.41 -10.99
C PRO A 35 -10.03 5.58 -11.50
N LEU A 36 -9.79 5.33 -12.78
CA LEU A 36 -8.43 5.43 -13.33
C LEU A 36 -7.82 6.80 -13.05
N SER A 37 -8.61 7.87 -13.17
CA SER A 37 -8.04 9.19 -12.94
C SER A 37 -7.43 9.32 -11.55
N GLU A 38 -8.04 8.67 -10.56
CA GLU A 38 -7.53 8.71 -9.20
C GLU A 38 -6.31 7.80 -9.06
N TYR A 39 -6.34 6.65 -9.71
CA TYR A 39 -5.14 5.79 -9.73
C TYR A 39 -3.96 6.56 -10.30
N GLU A 40 -4.16 7.27 -11.40
CA GLU A 40 -3.05 7.95 -12.03
C GLU A 40 -2.57 9.14 -11.19
N LYS A 41 -3.50 9.86 -10.54
CA LYS A 41 -3.09 10.95 -9.66
C LYS A 41 -2.24 10.43 -8.52
N ARG A 42 -2.65 9.31 -7.92
CA ARG A 42 -1.86 8.75 -6.82
C ARG A 42 -0.53 8.22 -7.30
N ARG A 43 -0.51 7.59 -8.48
CA ARG A 43 0.72 7.07 -9.07
C ARG A 43 1.70 8.19 -9.36
N GLU A 44 1.21 9.31 -9.87
CA GLU A 44 2.09 10.43 -10.19
C GLU A 44 2.71 11.04 -8.94
N ALA A 45 1.95 11.06 -7.83
CA ALA A 45 2.50 11.54 -6.56
C ALA A 45 3.63 10.62 -6.08
N VAL A 46 3.44 9.31 -6.23
CA VAL A 46 4.50 8.37 -5.86
C VAL A 46 5.71 8.58 -6.75
N ASP A 47 5.48 8.72 -8.06
CA ASP A 47 6.59 8.99 -8.97
C ASP A 47 7.35 10.27 -8.60
N LYS A 48 6.62 11.30 -8.14
CA LYS A 48 7.27 12.54 -7.71
C LYS A 48 8.17 12.29 -6.51
N VAL A 49 7.68 11.53 -5.53
CA VAL A 49 8.51 11.21 -4.37
C VAL A 49 9.72 10.39 -4.79
N ALA A 50 9.50 9.39 -5.66
CA ALA A 50 10.61 8.52 -6.07
C ALA A 50 11.68 9.31 -6.83
N ASN A 51 11.28 10.24 -7.70
CA ASN A 51 12.29 11.03 -8.40
C ASN A 51 13.04 11.94 -7.43
N HIS A 52 12.32 12.52 -6.47
CA HIS A 52 12.93 13.45 -5.52
C HIS A 52 13.99 12.78 -4.67
N PHE A 53 13.74 11.53 -4.25
CA PHE A 53 14.63 10.84 -3.33
C PHE A 53 15.38 9.66 -3.97
N SER A 54 15.33 9.55 -5.31
CA SER A 54 15.95 8.45 -6.04
C SER A 54 15.57 7.07 -5.48
N LEU A 55 14.26 6.85 -5.34
CA LEU A 55 13.79 5.55 -4.89
C LEU A 55 13.64 4.60 -6.06
N ASN A 56 13.72 3.31 -5.77
CA ASN A 56 13.52 2.25 -6.76
C ASN A 56 12.08 1.79 -6.63
N VAL A 57 11.22 2.22 -7.56
CA VAL A 57 9.80 1.87 -7.53
C VAL A 57 9.44 1.12 -8.81
N ARG A 58 8.76 -0.02 -8.63
CA ARG A 58 8.18 -0.83 -9.70
C ARG A 58 6.68 -0.57 -9.70
N TYR A 59 6.09 -0.42 -10.88
CA TYR A 59 4.66 -0.14 -10.98
C TYR A 59 3.94 -1.38 -11.49
N GLY A 60 2.97 -1.86 -10.71
CA GLY A 60 2.26 -3.08 -11.04
C GLY A 60 1.16 -2.84 -12.06
N GLU A 61 0.44 -3.92 -12.36
CA GLU A 61 -0.60 -3.89 -13.39
C GLU A 61 -1.84 -3.14 -12.90
N TYR A 62 -2.40 -2.32 -13.78
CA TYR A 62 -3.68 -1.67 -13.53
C TYR A 62 -4.46 -1.75 -14.83
N SER A 63 -5.55 -2.51 -14.81
CA SER A 63 -6.27 -2.85 -16.03
C SER A 63 -7.69 -3.23 -15.62
N THR A 64 -8.59 -3.28 -16.61
CA THR A 64 -9.94 -3.77 -16.31
C THR A 64 -9.89 -5.19 -15.75
N GLU A 65 -9.02 -6.03 -16.29
CA GLU A 65 -8.88 -7.40 -15.79
C GLU A 65 -8.39 -7.41 -14.34
N GLU A 66 -7.39 -6.58 -14.04
CA GLU A 66 -6.84 -6.53 -12.68
C GLU A 66 -7.87 -6.03 -11.68
N ILE A 67 -8.64 -5.00 -12.06
CA ILE A 67 -9.69 -4.51 -11.18
C ILE A 67 -10.74 -5.57 -10.96
N ARG A 68 -11.08 -6.33 -12.00
CA ARG A 68 -12.08 -7.38 -11.85
C ARG A 68 -11.62 -8.45 -10.87
N LYS A 69 -10.33 -8.82 -10.90
CA LYS A 69 -9.81 -9.78 -9.95
C LYS A 69 -9.93 -9.27 -8.51
N TRP A 70 -9.62 -7.98 -8.29
CA TRP A 70 -9.76 -7.42 -6.96
C TRP A 70 -11.22 -7.42 -6.52
N TYR A 71 -12.13 -7.01 -7.41
CA TYR A 71 -13.55 -6.91 -7.03
C TYR A 71 -14.09 -8.28 -6.62
N THR A 72 -13.68 -9.34 -7.32
CA THR A 72 -14.09 -10.69 -6.95
C THR A 72 -13.68 -11.02 -5.52
N ALA A 73 -12.49 -10.57 -5.11
CA ALA A 73 -11.98 -10.89 -3.78
C ALA A 73 -12.79 -10.23 -2.68
N VAL A 74 -13.32 -9.04 -2.93
CA VAL A 74 -14.00 -8.25 -1.91
C VAL A 74 -15.52 -8.25 -2.07
N LYS A 75 -16.04 -8.73 -3.22
CA LYS A 75 -17.45 -8.49 -3.57
C LYS A 75 -18.40 -8.95 -2.49
N ASP A 76 -18.13 -10.09 -1.86
CA ASP A 76 -19.07 -10.69 -0.92
C ASP A 76 -19.28 -9.86 0.33
N TYR A 77 -18.43 -8.85 0.59
CA TYR A 77 -18.56 -8.00 1.77
C TYR A 77 -18.66 -6.52 1.40
N LYS A 78 -19.05 -6.20 0.17
CA LYS A 78 -19.14 -4.82 -0.30
C LYS A 78 -19.85 -3.90 0.70
N LEU A 80 -20.70 -4.14 4.03
CA LEU A 80 -20.07 -3.72 5.28
C LEU A 80 -19.28 -2.42 5.08
N GLY A 81 -18.62 -1.94 6.12
CA GLY A 81 -17.89 -0.70 6.08
C GLY A 81 -16.38 -0.90 6.08
N GLU A 82 -15.66 0.23 6.09
CA GLU A 82 -14.21 0.18 6.22
C GLU A 82 -13.83 -0.32 7.60
N GLY A 83 -12.82 -1.18 7.65
CA GLY A 83 -12.38 -1.84 8.86
C GLY A 83 -12.91 -3.25 9.02
N SER A 84 -13.79 -3.69 8.13
CA SER A 84 -14.48 -4.96 8.25
C SER A 84 -13.75 -6.05 7.46
N LYS A 85 -14.43 -7.18 7.27
CA LYS A 85 -13.90 -8.28 6.46
C LYS A 85 -13.60 -7.85 5.03
N ARG A 86 -14.27 -6.81 4.54
CA ARG A 86 -13.97 -6.33 3.18
C ARG A 86 -12.54 -5.83 3.10
N CYS A 87 -12.09 -5.08 4.09
CA CYS A 87 -10.72 -4.58 4.06
C CYS A 87 -9.70 -5.68 4.31
N GLU A 88 -10.03 -6.66 5.14
CA GLU A 88 -9.14 -7.80 5.28
C GLU A 88 -8.91 -8.48 3.94
N ARG A 89 -9.96 -8.66 3.15
CA ARG A 89 -9.82 -9.29 1.86
C ARG A 89 -9.03 -8.43 0.88
N CYS A 90 -9.27 -7.12 0.93
CA CYS A 90 -8.58 -6.20 0.03
C CYS A 90 -7.09 -6.18 0.30
N ILE A 91 -6.71 -6.02 1.57
CA ILE A 91 -5.30 -5.92 1.91
C ILE A 91 -4.60 -7.25 1.66
N SER A 92 -5.28 -8.37 1.93
CA SER A 92 -4.69 -9.67 1.63
C SER A 92 -4.45 -9.82 0.12
N PHE A 93 -5.37 -9.30 -0.70
CA PHE A 93 -5.20 -9.37 -2.14
C PHE A 93 -3.95 -8.61 -2.56
N LEU A 94 -3.78 -7.39 -2.04
CA LEU A 94 -2.62 -6.58 -2.38
C LEU A 94 -1.34 -7.22 -1.88
N LEU A 95 -1.37 -7.77 -0.66
CA LEU A 95 -0.12 -8.26 -0.11
C LEU A 95 0.24 -9.62 -0.68
N GLU A 96 -0.76 -10.40 -1.10
CA GLU A 96 -0.48 -11.65 -1.79
C GLU A 96 0.28 -11.38 -3.09
N ARG A 97 -0.18 -10.39 -3.86
CA ARG A 97 0.51 -10.06 -5.10
C ARG A 97 1.91 -9.54 -4.82
N THR A 98 2.07 -8.80 -3.72
CA THR A 98 3.38 -8.28 -3.37
C THR A 98 4.34 -9.39 -2.99
N ALA A 99 3.88 -10.35 -2.19
CA ALA A 99 4.76 -11.46 -1.83
C ALA A 99 5.10 -12.30 -3.05
N GLN A 100 4.14 -12.49 -3.96
CA GLN A 100 4.44 -13.16 -5.22
C GLN A 100 5.56 -12.44 -5.97
N GLU A 101 5.45 -11.12 -6.08
CA GLU A 101 6.48 -10.36 -6.77
C GLU A 101 7.80 -10.43 -6.02
N ALA A 102 7.75 -10.41 -4.69
CA ALA A 102 8.99 -10.48 -3.91
C ALA A 102 9.74 -11.76 -4.21
N ARG A 103 9.03 -12.89 -4.25
CA ARG A 103 9.69 -14.16 -4.55
C ARG A 103 10.27 -14.15 -5.96
N LYS A 104 9.55 -13.59 -6.92
CA LYS A 104 10.00 -13.57 -8.31
C LYS A 104 11.25 -12.71 -8.48
N ARG A 105 11.40 -11.64 -7.71
CA ARG A 105 12.52 -10.72 -7.85
C ARG A 105 13.63 -10.99 -6.82
N GLY A 106 13.56 -12.11 -6.11
CA GLY A 106 14.66 -12.51 -5.25
C GLY A 106 14.71 -11.86 -3.89
N HIS A 107 13.67 -11.14 -3.50
CA HIS A 107 13.65 -10.48 -2.20
C HIS A 107 13.28 -11.48 -1.11
N GLU A 108 14.03 -11.50 -0.03
CA GLU A 108 13.67 -12.46 1.01
C GLU A 108 12.61 -11.93 1.96
N SER A 109 12.23 -10.65 1.87
CA SER A 109 11.24 -10.08 2.76
C SER A 109 10.28 -9.19 1.96
N PHE A 110 9.10 -8.96 2.53
CA PHE A 110 8.17 -8.00 1.92
C PHE A 110 7.48 -7.23 3.03
N SER A 111 6.92 -6.07 2.66
CA SER A 111 6.17 -5.28 3.63
C SER A 111 5.19 -4.40 2.87
N THR A 112 4.64 -3.41 3.55
CA THR A 112 3.72 -2.49 2.90
C THR A 112 3.70 -1.16 3.62
N THR A 113 3.58 -0.07 2.85
CA THR A 113 3.44 1.25 3.44
C THR A 113 2.09 1.44 4.14
N LEU A 114 1.16 0.50 3.98
CA LEU A 114 -0.09 0.56 4.75
C LEU A 114 0.20 0.54 6.24
N LEU A 115 1.35 -0.04 6.62
CA LEU A 115 1.75 -0.01 8.03
C LEU A 115 2.01 1.40 8.53
N ALA A 116 2.15 2.38 7.64
CA ALA A 116 2.33 3.77 8.04
C ALA A 116 1.03 4.55 8.06
N SER A 117 -0.06 3.95 7.64
CA SER A 117 -1.29 4.72 7.52
C SER A 117 -1.96 4.84 8.88
N PRO A 118 -2.35 6.05 9.31
CA PRO A 118 -2.97 6.18 10.64
C PRO A 118 -4.36 5.57 10.73
N ARG A 119 -5.04 5.32 9.61
CA ARG A 119 -6.38 4.75 9.72
C ARG A 119 -6.33 3.24 9.92
N LYS A 120 -5.36 2.57 9.30
CA LYS A 120 -5.44 1.13 9.16
C LYS A 120 -5.25 0.42 10.49
N ASN A 121 -5.66 -0.84 10.52
CA ASN A 121 -5.61 -1.64 11.73
C ASN A 121 -4.30 -2.43 11.71
N LEU A 122 -3.34 -2.06 12.55
CA LEU A 122 -2.04 -2.75 12.54
C LEU A 122 -2.13 -4.23 12.91
N PRO A 123 -2.90 -4.66 13.91
CA PRO A 123 -3.03 -6.10 14.14
C PRO A 123 -3.55 -6.85 12.93
N MET A 124 -4.56 -6.29 12.25
CA MET A 124 -5.08 -6.94 11.05
C MET A 124 -4.00 -7.06 9.98
N ILE A 125 -3.24 -5.99 9.75
CA ILE A 125 -2.22 -6.06 8.72
C ILE A 125 -1.14 -7.07 9.09
N GLU A 126 -0.71 -7.07 10.36
CA GLU A 126 0.34 -8.01 10.75
C GLU A 126 -0.14 -9.44 10.64
N ASN A 127 -1.40 -9.71 11.00
CA ASN A 127 -1.96 -11.05 10.80
C ASN A 127 -1.95 -11.47 9.34
N ILE A 128 -2.38 -10.58 8.45
CA ILE A 128 -2.40 -10.89 7.03
C ILE A 128 -0.98 -11.15 6.54
N GLY A 129 -0.06 -10.28 6.91
CA GLY A 129 1.31 -10.43 6.44
C GLY A 129 1.93 -11.74 6.90
N LYS A 130 1.66 -12.12 8.15
CA LYS A 130 2.26 -13.36 8.66
C LYS A 130 1.62 -14.58 8.01
N THR A 131 0.31 -14.51 7.72
CA THR A 131 -0.35 -15.57 6.98
C THR A 131 0.24 -15.72 5.59
N ILE A 132 0.48 -14.60 4.90
CA ILE A 132 1.04 -14.67 3.56
C ILE A 132 2.49 -15.14 3.60
N GLU A 133 3.24 -14.72 4.61
CA GLU A 133 4.60 -15.23 4.82
C GLU A 133 4.61 -16.76 4.87
N GLU A 134 3.70 -17.35 5.65
CA GLU A 134 3.62 -18.80 5.74
C GLU A 134 3.36 -19.45 4.39
N LYS A 135 2.54 -18.80 3.55
CA LYS A 135 2.14 -19.38 2.28
C LYS A 135 3.24 -19.28 1.22
N TYR A 136 3.98 -18.17 1.20
CA TYR A 136 4.94 -17.92 0.13
C TYR A 136 6.39 -18.07 0.56
N GLY A 137 6.67 -18.15 1.87
CA GLY A 137 8.05 -18.24 2.31
C GLY A 137 8.86 -17.00 2.04
N VAL A 138 8.22 -15.84 2.00
CA VAL A 138 8.88 -14.54 2.04
C VAL A 138 8.54 -13.93 3.39
N LYS A 139 9.56 -13.48 4.12
CA LYS A 139 9.33 -12.97 5.46
C LYS A 139 8.55 -11.65 5.41
N PHE A 140 7.53 -11.53 6.25
CA PHE A 140 6.82 -10.26 6.40
C PHE A 140 7.55 -9.39 7.40
N PHE A 141 7.98 -8.21 6.95
CA PHE A 141 8.64 -7.25 7.81
C PHE A 141 7.59 -6.31 8.40
N PHE A 142 7.37 -6.43 9.71
CA PHE A 142 6.46 -5.54 10.42
C PHE A 142 7.23 -4.45 11.13
N LYS A 143 6.74 -3.23 11.03
CA LYS A 143 7.21 -2.11 11.79
C LYS A 143 6.03 -1.17 11.94
N ASN A 144 5.89 -0.56 13.10
CA ASN A 144 4.94 0.54 13.18
C ASN A 144 5.60 1.73 12.52
N PHE A 145 5.33 1.92 11.21
CA PHE A 145 6.07 2.94 10.48
C PHE A 145 5.75 4.35 10.93
N ARG A 146 4.65 4.55 11.66
CA ARG A 146 4.34 5.88 12.18
C ARG A 146 5.16 6.27 13.41
N LYS A 147 5.92 5.34 13.99
CA LYS A 147 6.65 5.64 15.23
C LYS A 147 7.91 6.44 14.93
N GLY A 148 8.51 6.96 16.00
CA GLY A 148 9.66 7.84 15.86
C GLY A 148 9.32 9.20 15.31
N GLY A 149 8.06 9.61 15.40
CA GLY A 149 7.62 10.83 14.77
C GLY A 149 7.57 10.79 13.26
N ALA A 150 7.68 9.61 12.65
CA ALA A 150 7.77 9.56 11.19
C ALA A 150 6.48 10.03 10.52
N TYR A 151 5.32 9.80 11.14
CA TYR A 151 4.08 10.24 10.49
C TYR A 151 4.08 11.74 10.31
N GLN A 152 4.33 12.48 11.39
CA GLN A 152 4.44 13.92 11.25
C GLN A 152 5.57 14.29 10.32
N GLU A 153 6.62 13.47 10.29
CA GLU A 153 7.70 13.73 9.35
C GLU A 153 7.23 13.52 7.91
N GLY A 154 6.35 12.53 7.69
CA GLY A 154 5.75 12.38 6.37
C GLY A 154 4.84 13.54 6.02
N VAL A 155 4.12 14.07 7.02
CA VAL A 155 3.25 15.21 6.75
C VAL A 155 4.04 16.41 6.26
N ARG A 156 5.14 16.75 6.95
CA ARG A 156 5.84 17.96 6.53
C ARG A 156 6.56 17.78 5.20
N LEU A 157 7.07 16.56 4.91
CA LEU A 157 7.65 16.33 3.59
C LEU A 157 6.58 16.39 2.51
N SER A 158 5.39 15.84 2.79
CA SER A 158 4.31 15.92 1.80
C SER A 158 3.99 17.38 1.48
N LYS A 159 3.91 18.22 2.52
CA LYS A 159 3.58 19.63 2.29
C LYS A 159 4.67 20.32 1.48
N GLU A 160 5.93 20.14 1.88
CA GLU A 160 7.02 20.80 1.19
C GLU A 160 7.14 20.35 -0.25
N LEU A 161 7.00 19.05 -0.49
CA LEU A 161 7.11 18.52 -1.84
C LEU A 161 5.89 18.80 -2.70
N GLY A 162 4.78 19.25 -2.12
CA GLY A 162 3.58 19.44 -2.92
C GLY A 162 2.93 18.13 -3.32
N ILE A 163 2.87 17.18 -2.40
CA ILE A 163 2.43 15.82 -2.69
C ILE A 163 0.93 15.73 -2.46
N TYR A 164 0.20 15.18 -3.44
CA TYR A 164 -1.24 14.96 -3.30
C TYR A 164 -1.54 14.06 -2.10
N ARG A 165 -2.45 14.54 -1.23
CA ARG A 165 -2.91 13.81 -0.04
C ARG A 165 -4.41 13.52 -0.20
N GLN A 166 -4.76 12.26 -0.45
CA GLN A 166 -6.12 11.87 -0.73
C GLN A 166 -6.99 11.90 0.54
N ASN A 167 -8.31 11.91 0.34
CA ASN A 167 -9.23 11.92 1.47
C ASN A 167 -10.21 10.75 1.47
N TYR A 168 -9.91 9.70 0.70
CA TYR A 168 -10.66 8.45 0.82
C TYR A 168 -9.72 7.30 0.53
N CYS A 169 -10.04 6.14 1.11
CA CYS A 169 -9.07 5.04 1.13
C CYS A 169 -8.65 4.65 -0.28
N GLY A 170 -9.62 4.45 -1.18
CA GLY A 170 -9.29 4.27 -2.58
C GLY A 170 -10.38 3.61 -3.39
N CYS A 171 -11.11 2.68 -2.79
CA CYS A 171 -12.08 1.94 -3.57
C CYS A 171 -13.40 2.70 -3.67
N VAL A 172 -14.28 2.21 -4.56
CA VAL A 172 -15.56 2.87 -4.77
C VAL A 172 -16.38 2.86 -3.48
N PHE A 173 -16.28 1.77 -2.70
CA PHE A 173 -17.01 1.70 -1.44
C PHE A 173 -16.59 2.82 -0.50
N SER A 174 -15.28 3.05 -0.38
CA SER A 174 -14.79 4.08 0.53
C SER A 174 -15.18 5.48 0.04
N LEU A 175 -15.32 5.66 -1.28
CA LEU A 175 -15.74 6.96 -1.79
C LEU A 175 -17.18 7.26 -1.41
N LEU A 176 -18.05 6.24 -1.46
CA LEU A 176 -19.44 6.43 -1.04
C LEU A 176 -19.55 6.66 0.46
N GLU A 177 -18.80 5.89 1.25
CA GLU A 177 -18.81 6.08 2.69
C GLU A 177 -18.29 7.47 3.06
N ARG A 178 -17.41 8.05 2.24
CA ARG A 178 -16.97 9.41 2.46
C ARG A 178 -18.14 10.39 2.37
N ARG A 179 -19.05 10.18 1.42
CA ARG A 179 -20.19 11.08 1.26
C ARG A 179 -21.12 11.02 2.48
N GLU A 180 -21.44 9.81 2.94
CA GLU A 180 -22.36 9.62 4.05
C GLU A 180 -21.76 10.03 5.40
#